data_2OQ5
#
_entry.id   2OQ5
#
_cell.length_a   47.900
_cell.length_b   70.200
_cell.length_c   80.200
_cell.angle_alpha   90.00
_cell.angle_beta   90.00
_cell.angle_gamma   90.00
#
_symmetry.space_group_name_H-M   'P 2 21 21'
#
loop_
_entity.id
_entity.type
_entity.pdbx_description
1 polymer 'Transmembrane protease, serine 11E'
2 non-polymer BENZAMIDINE
3 water water
#
_entity_poly.entity_id   1
_entity_poly.type   'polypeptide(L)'
_entity_poly.pdbx_seq_one_letter_code
;IVGGTEVEEGEWPWQASLQWDGSHRCGATLINATWLVSAAHCFTTYKNPARWTASFGVTIKPSKMKRGLRRIIVHEKYKH
PSHDYDISLAELSSPVPYTNAVHRVCLPDASYEFQPGDVMFVTGFGALKNDGYSQNHLRQAQVTLIDATTCNEPQAYNDA
ITPRMLCAGSLEGKTDACQGDSGGPLVSSDARDIWYLAGIVSWGDECAKPNKPGVYTRVTALRDWITSKTGI
;
_entity_poly.pdbx_strand_id   A
#
loop_
_chem_comp.id
_chem_comp.type
_chem_comp.name
_chem_comp.formula
BEN non-polymer BENZAMIDINE 'C7 H8 N2'
#
# COMPACT_ATOMS: atom_id res chain seq x y z
N ILE A 1 -4.18 1.75 -10.50
CA ILE A 1 -5.56 1.73 -9.92
C ILE A 1 -6.56 1.59 -11.07
N VAL A 2 -7.45 0.62 -10.96
CA VAL A 2 -8.47 0.39 -11.98
C VAL A 2 -9.82 0.91 -11.47
N GLY A 3 -10.51 1.66 -12.32
CA GLY A 3 -11.81 2.19 -11.94
C GLY A 3 -11.77 3.33 -10.94
N GLY A 4 -10.65 4.04 -10.91
CA GLY A 4 -10.50 5.15 -9.99
C GLY A 4 -10.56 6.51 -10.65
N THR A 5 -10.24 7.54 -9.86
CA THR A 5 -10.24 8.92 -10.33
C THR A 5 -9.00 9.65 -9.85
N GLU A 6 -8.62 10.70 -10.57
CA GLU A 6 -7.45 11.50 -10.22
C GLU A 6 -7.76 12.29 -8.95
N VAL A 7 -6.73 12.48 -8.12
CA VAL A 7 -6.91 13.21 -6.87
C VAL A 7 -6.27 14.60 -6.89
N GLU A 8 -6.71 15.43 -5.94
CA GLU A 8 -6.20 16.78 -5.79
C GLU A 8 -5.07 16.71 -4.76
N GLU A 9 -4.19 17.69 -4.78
CA GLU A 9 -3.07 17.72 -3.83
C GLU A 9 -3.62 17.92 -2.42
N GLY A 10 -3.10 17.15 -1.46
CA GLY A 10 -3.54 17.27 -0.08
C GLY A 10 -4.60 16.28 0.39
N GLU A 11 -5.20 15.55 -0.54
CA GLU A 11 -6.23 14.56 -0.17
C GLU A 11 -5.68 13.32 0.53
N TRP A 12 -4.54 12.84 0.04
CA TRP A 12 -3.87 11.64 0.58
C TRP A 12 -2.38 12.00 0.75
N PRO A 13 -2.07 12.85 1.75
CA PRO A 13 -0.72 13.33 2.06
C PRO A 13 0.38 12.32 2.37
N TRP A 14 0.01 11.11 2.76
CA TRP A 14 0.98 10.07 3.12
C TRP A 14 1.46 9.21 1.95
N GLN A 15 0.88 9.39 0.78
CA GLN A 15 1.27 8.60 -0.38
C GLN A 15 2.68 8.90 -0.85
N ALA A 16 3.43 7.85 -1.15
CA ALA A 16 4.77 7.99 -1.66
C ALA A 16 4.97 7.08 -2.86
N SER A 17 5.89 7.50 -3.72
CA SER A 17 6.25 6.72 -4.90
C SER A 17 7.70 6.30 -4.72
N LEU A 18 7.95 5.00 -4.87
CA LEU A 18 9.30 4.45 -4.75
C LEU A 18 9.83 4.23 -6.17
N GLN A 19 10.97 4.84 -6.46
CA GLN A 19 11.57 4.77 -7.78
C GLN A 19 12.96 4.15 -7.76
N TRP A 20 13.21 3.26 -8.70
CA TRP A 20 14.49 2.60 -8.86
C TRP A 20 15.11 3.23 -10.11
N ASP A 21 16.26 3.86 -9.96
CA ASP A 21 16.93 4.53 -11.08
C ASP A 21 16.00 5.54 -11.76
N GLY A 22 15.19 6.23 -10.96
CA GLY A 22 14.27 7.23 -11.47
C GLY A 22 12.96 6.76 -12.06
N SER A 23 12.68 5.46 -12.00
CA SER A 23 11.44 4.93 -12.55
C SER A 23 10.55 4.36 -11.45
N HIS A 24 9.29 4.76 -11.45
CA HIS A 24 8.32 4.29 -10.46
C HIS A 24 8.14 2.78 -10.49
N ARG A 25 8.26 2.14 -9.34
CA ARG A 25 8.08 0.69 -9.26
C ARG A 25 7.08 0.27 -8.19
N CYS A 26 6.96 1.07 -7.14
CA CYS A 26 6.05 0.75 -6.04
C CYS A 26 5.57 1.95 -5.27
N GLY A 27 4.46 1.74 -4.56
CA GLY A 27 3.93 2.77 -3.70
C GLY A 27 4.46 2.48 -2.31
N ALA A 28 4.27 3.43 -1.41
CA ALA A 28 4.69 3.30 -0.02
C ALA A 28 3.86 4.32 0.76
N THR A 29 3.90 4.21 2.08
CA THR A 29 3.13 5.09 2.93
C THR A 29 4.01 5.68 4.04
N LEU A 30 3.89 6.99 4.22
CA LEU A 30 4.66 7.69 5.26
C LEU A 30 4.01 7.44 6.62
N ILE A 31 4.75 6.85 7.55
CA ILE A 31 4.21 6.58 8.89
C ILE A 31 4.90 7.42 9.97
N ASN A 32 6.00 8.05 9.60
CA ASN A 32 6.78 8.90 10.50
C ASN A 32 7.58 9.84 9.61
N ALA A 33 8.19 10.87 10.19
CA ALA A 33 8.98 11.83 9.43
C ALA A 33 10.13 11.18 8.66
N THR A 34 10.60 10.03 9.14
CA THR A 34 11.72 9.34 8.48
C THR A 34 11.44 7.88 8.12
N TRP A 35 10.19 7.45 8.22
CA TRP A 35 9.86 6.07 7.91
C TRP A 35 8.72 5.86 6.94
N LEU A 36 8.91 4.90 6.04
CA LEU A 36 7.90 4.52 5.08
C LEU A 36 7.62 3.03 5.29
N VAL A 37 6.37 2.63 5.07
CA VAL A 37 6.01 1.22 5.15
C VAL A 37 5.58 0.86 3.72
N SER A 38 5.99 -0.31 3.26
CA SER A 38 5.66 -0.76 1.90
C SER A 38 5.54 -2.28 1.90
N ALA A 39 5.62 -2.88 0.71
CA ALA A 39 5.53 -4.32 0.58
C ALA A 39 6.92 -4.92 0.43
N ALA A 40 7.11 -6.11 0.97
CA ALA A 40 8.40 -6.80 0.87
C ALA A 40 8.77 -7.13 -0.57
N HIS A 41 7.79 -7.52 -1.39
CA HIS A 41 8.07 -7.88 -2.77
C HIS A 41 8.64 -6.75 -3.64
N CYS A 42 8.50 -5.51 -3.17
CA CYS A 42 9.03 -4.37 -3.89
C CYS A 42 10.56 -4.37 -3.88
N PHE A 43 11.13 -5.05 -2.88
CA PHE A 43 12.58 -5.11 -2.71
C PHE A 43 13.22 -6.48 -2.92
N THR A 44 12.48 -7.39 -3.56
CA THR A 44 12.96 -8.74 -3.81
C THR A 44 14.14 -8.81 -4.79
N THR A 45 14.04 -8.11 -5.91
CA THR A 45 15.09 -8.11 -6.92
C THR A 45 16.05 -6.92 -6.81
N TYR A 46 15.50 -5.73 -6.64
CA TYR A 46 16.30 -4.51 -6.53
C TYR A 46 16.38 -4.13 -5.07
N LYS A 47 17.48 -4.50 -4.42
CA LYS A 47 17.65 -4.25 -2.99
C LYS A 47 18.71 -3.25 -2.54
N ASN A 48 19.36 -2.56 -3.47
CA ASN A 48 20.38 -1.57 -3.12
C ASN A 48 19.70 -0.25 -2.78
N PRO A 49 19.75 0.17 -1.51
CA PRO A 49 19.13 1.41 -1.04
C PRO A 49 19.56 2.68 -1.79
N ALA A 50 20.82 2.71 -2.20
CA ALA A 50 21.39 3.86 -2.91
C ALA A 50 20.74 4.18 -4.26
N ARG A 51 20.09 3.20 -4.88
CA ARG A 51 19.45 3.44 -6.17
C ARG A 51 17.95 3.65 -6.09
N TRP A 52 17.42 3.63 -4.86
CA TRP A 52 16.01 3.86 -4.60
C TRP A 52 15.80 5.28 -4.10
N THR A 53 14.73 5.92 -4.57
CA THR A 53 14.39 7.26 -4.10
C THR A 53 12.89 7.26 -3.85
N ALA A 54 12.44 8.14 -2.98
CA ALA A 54 11.03 8.24 -2.66
C ALA A 54 10.57 9.66 -2.95
N SER A 55 9.39 9.81 -3.52
CA SER A 55 8.84 11.14 -3.82
C SER A 55 7.44 11.23 -3.27
N PHE A 56 7.02 12.45 -2.99
CA PHE A 56 5.70 12.70 -2.42
C PHE A 56 4.90 13.66 -3.28
N GLY A 57 3.61 13.75 -3.00
CA GLY A 57 2.74 14.63 -3.76
C GLY A 57 1.84 13.82 -4.68
N VAL A 58 1.10 14.50 -5.54
CA VAL A 58 0.17 13.82 -6.44
C VAL A 58 0.72 13.50 -7.83
N THR A 59 1.95 13.92 -8.10
CA THR A 59 2.57 13.65 -9.39
C THR A 59 3.99 13.14 -9.22
N ILE A 60 4.42 12.33 -10.18
CA ILE A 60 5.79 11.81 -10.18
C ILE A 60 6.64 12.85 -10.90
N LYS A 61 6.02 13.51 -11.89
CA LYS A 61 6.63 14.54 -12.73
C LYS A 61 7.18 15.71 -11.88
N PRO A 62 6.39 16.79 -11.62
CA PRO A 62 7.06 17.81 -10.81
C PRO A 62 6.94 17.43 -9.33
N SER A 63 7.73 16.45 -8.90
CA SER A 63 7.70 15.99 -7.52
C SER A 63 7.92 17.13 -6.53
N LYS A 64 7.03 17.24 -5.54
CA LYS A 64 7.13 18.29 -4.53
C LYS A 64 8.43 18.18 -3.75
N MET A 65 8.82 16.95 -3.44
CA MET A 65 10.05 16.68 -2.73
C MET A 65 10.45 15.22 -2.86
N LYS A 66 11.75 14.98 -2.90
CA LYS A 66 12.29 13.63 -3.01
C LYS A 66 13.23 13.36 -1.86
N ARG A 67 13.40 12.09 -1.55
CA ARG A 67 14.26 11.65 -0.47
C ARG A 67 14.97 10.37 -0.89
N GLY A 68 16.16 10.16 -0.33
CA GLY A 68 16.89 8.93 -0.62
C GLY A 68 16.55 7.94 0.48
N LEU A 69 16.96 6.69 0.29
CA LEU A 69 16.72 5.66 1.29
C LEU A 69 18.03 5.28 1.96
N ARG A 70 18.01 5.22 3.28
CA ARG A 70 19.20 4.88 4.05
C ARG A 70 19.24 3.39 4.36
N ARG A 71 18.06 2.80 4.55
CA ARG A 71 17.99 1.40 4.95
C ARG A 71 16.65 0.78 4.55
N ILE A 72 16.67 -0.52 4.24
CA ILE A 72 15.48 -1.26 3.87
C ILE A 72 15.37 -2.49 4.77
N ILE A 73 14.21 -2.67 5.39
CA ILE A 73 13.98 -3.80 6.28
C ILE A 73 12.81 -4.63 5.74
N VAL A 74 13.08 -5.88 5.40
CA VAL A 74 12.05 -6.79 4.90
C VAL A 74 11.72 -7.79 6.02
N HIS A 75 10.46 -8.18 6.13
CA HIS A 75 10.07 -9.12 7.18
C HIS A 75 10.86 -10.43 7.07
N GLU A 76 11.37 -10.90 8.21
CA GLU A 76 12.17 -12.12 8.28
C GLU A 76 11.49 -13.36 7.74
N LYS A 77 10.16 -13.42 7.87
CA LYS A 77 9.41 -14.58 7.40
C LYS A 77 8.95 -14.51 5.95
N TYR A 78 9.24 -13.40 5.28
CA TYR A 78 8.86 -13.26 3.87
C TYR A 78 9.78 -14.14 3.03
N LYS A 79 9.20 -14.88 2.09
CA LYS A 79 9.95 -15.77 1.23
C LYS A 79 9.35 -15.82 -0.17
N HIS A 80 9.98 -15.12 -1.12
CA HIS A 80 9.53 -15.09 -2.51
C HIS A 80 9.59 -16.54 -3.02
N PRO A 81 8.62 -16.95 -3.87
CA PRO A 81 7.47 -16.20 -4.43
C PRO A 81 6.20 -16.16 -3.56
N SER A 82 6.26 -16.70 -2.34
CA SER A 82 5.10 -16.69 -1.45
C SER A 82 4.70 -15.24 -1.12
N HIS A 83 3.41 -15.03 -0.88
CA HIS A 83 2.90 -13.69 -0.57
C HIS A 83 2.72 -13.39 0.92
N ASP A 84 2.95 -14.38 1.76
CA ASP A 84 2.79 -14.21 3.20
C ASP A 84 3.84 -13.27 3.80
N TYR A 85 3.45 -12.49 4.80
CA TYR A 85 4.34 -11.54 5.47
C TYR A 85 4.93 -10.52 4.50
N ASP A 86 4.10 -10.05 3.55
CA ASP A 86 4.54 -9.09 2.54
C ASP A 86 4.58 -7.67 3.10
N ILE A 87 5.62 -7.37 3.87
CA ILE A 87 5.75 -6.05 4.46
C ILE A 87 7.21 -5.63 4.55
N SER A 88 7.46 -4.35 4.34
CA SER A 88 8.81 -3.80 4.41
C SER A 88 8.78 -2.41 5.01
N LEU A 89 9.93 -1.97 5.52
CA LEU A 89 10.09 -0.65 6.08
C LEU A 89 11.29 -0.01 5.39
N ALA A 90 11.20 1.29 5.15
CA ALA A 90 12.30 2.00 4.52
C ALA A 90 12.55 3.29 5.29
N GLU A 91 13.79 3.46 5.72
CA GLU A 91 14.18 4.66 6.46
C GLU A 91 14.69 5.70 5.48
N LEU A 92 14.13 6.91 5.55
CA LEU A 92 14.53 8.00 4.66
C LEU A 92 15.87 8.61 5.07
N SER A 93 16.59 9.15 4.08
CA SER A 93 17.90 9.78 4.31
C SER A 93 17.81 11.01 5.19
N SER A 94 16.67 11.70 5.13
CA SER A 94 16.42 12.89 5.93
C SER A 94 14.93 13.02 6.17
N PRO A 95 14.52 13.61 7.30
CA PRO A 95 13.11 13.77 7.63
C PRO A 95 12.30 14.65 6.68
N VAL A 96 11.03 14.30 6.53
CA VAL A 96 10.12 15.06 5.68
C VAL A 96 9.28 15.92 6.62
N PRO A 97 9.25 17.24 6.38
CA PRO A 97 8.49 18.17 7.21
C PRO A 97 6.99 17.92 7.07
N TYR A 98 6.25 18.10 8.16
CA TYR A 98 4.80 17.89 8.13
C TYR A 98 4.08 19.12 7.59
N THR A 99 3.43 18.94 6.45
CA THR A 99 2.67 20.00 5.81
C THR A 99 1.28 19.48 5.48
N ASN A 100 0.42 20.37 4.98
CA ASN A 100 -0.94 19.98 4.61
C ASN A 100 -0.95 19.04 3.40
N ALA A 101 0.11 19.13 2.60
CA ALA A 101 0.24 18.31 1.40
C ALA A 101 0.98 17.00 1.63
N VAL A 102 1.86 16.98 2.64
CA VAL A 102 2.64 15.79 2.95
C VAL A 102 2.77 15.53 4.45
N HIS A 103 2.17 14.45 4.91
CA HIS A 103 2.25 14.06 6.32
C HIS A 103 1.85 12.60 6.52
N ARG A 104 2.24 12.05 7.66
CA ARG A 104 1.97 10.66 8.00
C ARG A 104 0.53 10.27 8.24
N VAL A 105 0.23 8.98 8.05
CA VAL A 105 -1.10 8.44 8.32
C VAL A 105 -0.98 7.90 9.73
N CYS A 106 -2.11 7.57 10.34
CA CYS A 106 -2.09 6.98 11.67
C CYS A 106 -2.07 5.47 11.50
N LEU A 107 -1.43 4.78 12.44
CA LEU A 107 -1.38 3.32 12.41
C LEU A 107 -2.38 2.84 13.43
N PRO A 108 -3.16 1.79 13.09
CA PRO A 108 -4.16 1.24 14.02
C PRO A 108 -3.46 0.39 15.07
N ASP A 109 -4.06 0.27 16.25
CA ASP A 109 -3.48 -0.60 17.28
C ASP A 109 -3.79 -2.02 16.82
N ALA A 110 -3.02 -2.98 17.31
CA ALA A 110 -3.20 -4.38 16.93
C ALA A 110 -4.61 -4.91 17.15
N SER A 111 -5.36 -4.28 18.06
CA SER A 111 -6.73 -4.71 18.36
C SER A 111 -7.84 -3.96 17.61
N TYR A 112 -7.45 -3.01 16.75
CA TYR A 112 -8.43 -2.23 15.97
C TYR A 112 -9.24 -3.17 15.09
N GLU A 113 -10.54 -2.95 15.02
CA GLU A 113 -11.40 -3.80 14.22
C GLU A 113 -12.00 -3.16 12.97
N PHE A 114 -11.53 -3.61 11.82
CA PHE A 114 -12.05 -3.15 10.54
C PHE A 114 -13.10 -4.21 10.20
N GLN A 115 -14.34 -3.79 10.01
CA GLN A 115 -15.42 -4.72 9.74
C GLN A 115 -15.71 -4.96 8.27
N PRO A 116 -16.00 -6.23 7.90
CA PRO A 116 -16.31 -6.51 6.50
C PRO A 116 -17.49 -5.63 6.10
N GLY A 117 -17.41 -5.03 4.93
CA GLY A 117 -18.45 -4.13 4.48
C GLY A 117 -18.04 -2.68 4.60
N ASP A 118 -16.99 -2.42 5.39
CA ASP A 118 -16.47 -1.07 5.58
C ASP A 118 -15.94 -0.48 4.27
N VAL A 119 -16.23 0.80 4.04
CA VAL A 119 -15.77 1.49 2.85
C VAL A 119 -14.34 1.97 3.11
N MET A 120 -13.44 1.63 2.19
CA MET A 120 -12.05 2.01 2.31
C MET A 120 -11.55 2.57 0.97
N PHE A 121 -10.38 3.19 1.00
CA PHE A 121 -9.82 3.76 -0.21
C PHE A 121 -8.39 3.27 -0.44
N VAL A 122 -8.08 2.97 -1.69
CA VAL A 122 -6.75 2.54 -2.07
C VAL A 122 -6.24 3.57 -3.09
N THR A 123 -4.98 3.99 -2.93
CA THR A 123 -4.41 4.98 -3.83
C THR A 123 -3.11 4.50 -4.46
N GLY A 124 -2.77 5.08 -5.60
CA GLY A 124 -1.54 4.69 -6.26
C GLY A 124 -1.34 5.23 -7.66
N PHE A 125 -0.10 5.10 -8.15
CA PHE A 125 0.30 5.55 -9.48
C PHE A 125 0.35 4.35 -10.44
N GLY A 126 -0.22 3.23 -10.03
CA GLY A 126 -0.19 2.02 -10.82
C GLY A 126 -0.98 1.99 -12.12
N ALA A 127 -0.89 0.84 -12.80
CA ALA A 127 -1.56 0.62 -14.08
C ALA A 127 -3.07 0.76 -14.05
N LEU A 128 -3.63 1.20 -15.18
CA LEU A 128 -5.08 1.37 -15.34
C LEU A 128 -5.74 0.07 -15.81
N LYS A 129 -4.90 -0.87 -16.24
CA LYS A 129 -5.37 -2.16 -16.72
C LYS A 129 -4.24 -3.17 -16.60
N ASN A 130 -4.57 -4.45 -16.76
CA ASN A 130 -3.58 -5.53 -16.70
C ASN A 130 -2.49 -5.26 -17.73
N ASP A 131 -1.25 -5.44 -17.33
CA ASP A 131 -0.08 -5.22 -18.20
C ASP A 131 0.11 -3.80 -18.70
N GLY A 132 -0.54 -2.84 -18.04
CA GLY A 132 -0.39 -1.45 -18.44
C GLY A 132 0.79 -0.82 -17.72
N TYR A 133 1.16 0.40 -18.11
CA TYR A 133 2.27 1.10 -17.48
C TYR A 133 1.75 2.05 -16.38
N SER A 134 2.65 2.44 -15.49
CA SER A 134 2.29 3.34 -14.38
C SER A 134 1.89 4.73 -14.88
N GLN A 135 1.12 5.42 -14.06
CA GLN A 135 0.63 6.77 -14.38
C GLN A 135 1.45 7.83 -13.67
N ASN A 136 1.40 9.05 -14.19
CA ASN A 136 2.14 10.15 -13.60
C ASN A 136 1.36 10.84 -12.49
N HIS A 137 0.03 10.76 -12.56
CA HIS A 137 -0.83 11.40 -11.58
C HIS A 137 -1.53 10.39 -10.67
N LEU A 138 -1.49 10.67 -9.37
CA LEU A 138 -2.10 9.81 -8.35
C LEU A 138 -3.60 9.60 -8.52
N ARG A 139 -4.05 8.36 -8.36
CA ARG A 139 -5.47 8.02 -8.47
C ARG A 139 -5.95 7.32 -7.20
N GLN A 140 -7.26 7.39 -6.96
CA GLN A 140 -7.86 6.75 -5.80
C GLN A 140 -9.03 5.91 -6.27
N ALA A 141 -9.36 4.88 -5.49
CA ALA A 141 -10.49 4.02 -5.79
C ALA A 141 -11.16 3.63 -4.48
N GLN A 142 -12.48 3.62 -4.49
CA GLN A 142 -13.25 3.23 -3.31
C GLN A 142 -13.47 1.73 -3.41
N VAL A 143 -13.12 1.03 -2.34
CA VAL A 143 -13.29 -0.42 -2.29
C VAL A 143 -13.99 -0.80 -0.98
N THR A 144 -14.38 -2.06 -0.86
CA THR A 144 -15.07 -2.54 0.32
C THR A 144 -14.32 -3.72 0.92
N LEU A 145 -14.23 -3.76 2.25
CA LEU A 145 -13.57 -4.86 2.94
C LEU A 145 -14.44 -6.11 2.80
N ILE A 146 -13.82 -7.19 2.35
CA ILE A 146 -14.50 -8.48 2.16
C ILE A 146 -13.98 -9.45 3.21
N ASP A 147 -14.87 -10.11 3.94
CA ASP A 147 -14.43 -11.04 4.98
C ASP A 147 -13.58 -12.17 4.42
N ALA A 148 -12.61 -12.59 5.22
CA ALA A 148 -11.66 -13.63 4.86
C ALA A 148 -12.29 -14.94 4.39
N THR A 149 -13.38 -15.35 5.03
CA THR A 149 -14.06 -16.60 4.67
C THR A 149 -14.57 -16.55 3.22
N THR A 150 -15.21 -15.45 2.86
CA THR A 150 -15.73 -15.26 1.51
C THR A 150 -14.57 -15.19 0.52
N CYS A 151 -13.49 -14.53 0.92
CA CYS A 151 -12.32 -14.39 0.07
C CYS A 151 -11.59 -15.72 -0.12
N ASN A 152 -11.76 -16.64 0.84
CA ASN A 152 -11.14 -17.95 0.79
C ASN A 152 -11.99 -19.04 0.12
N GLU A 153 -13.17 -18.69 -0.36
CA GLU A 153 -14.04 -19.66 -1.02
C GLU A 153 -13.38 -20.28 -2.26
N PRO A 154 -13.79 -21.52 -2.61
CA PRO A 154 -13.23 -22.23 -3.77
C PRO A 154 -13.13 -21.44 -5.08
N GLN A 155 -14.14 -20.63 -5.39
CA GLN A 155 -14.13 -19.82 -6.62
C GLN A 155 -13.28 -18.57 -6.49
N ALA A 156 -12.95 -18.21 -5.24
CA ALA A 156 -12.13 -17.03 -4.99
C ALA A 156 -10.67 -17.47 -4.84
N TYR A 157 -10.08 -17.28 -3.66
CA TYR A 157 -8.69 -17.65 -3.45
C TYR A 157 -8.43 -19.04 -2.87
N ASN A 158 -9.50 -19.80 -2.69
CA ASN A 158 -9.43 -21.18 -2.20
C ASN A 158 -8.40 -21.44 -1.09
N ASP A 159 -8.63 -20.86 0.08
CA ASP A 159 -7.77 -21.02 1.26
C ASP A 159 -6.35 -20.44 1.20
N ALA A 160 -6.08 -19.57 0.23
CA ALA A 160 -4.76 -18.97 0.11
C ALA A 160 -4.56 -17.71 0.97
N ILE A 161 -5.67 -17.16 1.49
CA ILE A 161 -5.60 -15.97 2.31
C ILE A 161 -5.27 -16.31 3.77
N THR A 162 -4.09 -15.89 4.22
CA THR A 162 -3.62 -16.15 5.58
C THR A 162 -4.07 -15.02 6.52
N PRO A 163 -3.89 -15.21 7.84
CA PRO A 163 -4.30 -14.16 8.78
C PRO A 163 -3.48 -12.86 8.66
N ARG A 164 -2.38 -12.89 7.91
CA ARG A 164 -1.56 -11.69 7.72
C ARG A 164 -2.04 -10.93 6.48
N MET A 165 -3.15 -11.40 5.92
CA MET A 165 -3.74 -10.80 4.72
C MET A 165 -5.18 -10.35 4.97
N LEU A 166 -5.64 -9.49 4.08
CA LEU A 166 -6.98 -8.92 4.13
C LEU A 166 -7.44 -8.77 2.68
N CYS A 167 -8.74 -8.87 2.43
CA CYS A 167 -9.27 -8.73 1.06
C CYS A 167 -10.17 -7.51 0.97
N ALA A 168 -10.03 -6.77 -0.13
CA ALA A 168 -10.82 -5.58 -0.35
C ALA A 168 -10.97 -5.32 -1.84
N GLY A 169 -12.13 -4.80 -2.21
CA GLY A 169 -12.39 -4.49 -3.60
C GLY A 169 -13.87 -4.63 -3.87
N SER A 170 -14.19 -5.39 -4.90
CA SER A 170 -15.56 -5.67 -5.31
C SER A 170 -15.56 -7.04 -5.96
N LEU A 171 -16.54 -7.87 -5.60
CA LEU A 171 -16.63 -9.21 -6.17
C LEU A 171 -16.94 -9.16 -7.67
N GLU A 172 -17.54 -8.05 -8.11
CA GLU A 172 -17.88 -7.86 -9.52
C GLU A 172 -16.73 -7.22 -10.30
N GLY A 173 -15.65 -6.90 -9.59
CA GLY A 173 -14.50 -6.28 -10.21
C GLY A 173 -14.55 -4.76 -10.14
N LYS A 174 -14.72 -4.12 -11.28
CA LYS A 174 -14.80 -2.67 -11.45
C LYS A 174 -13.69 -1.79 -10.84
N THR A 175 -13.45 -1.91 -9.54
CA THR A 175 -12.38 -1.14 -8.87
C THR A 175 -11.39 -2.10 -8.24
N ASP A 176 -10.11 -1.77 -8.31
CA ASP A 176 -9.06 -2.62 -7.74
C ASP A 176 -7.71 -1.95 -7.93
N ALA A 177 -6.73 -2.39 -7.15
CA ALA A 177 -5.36 -1.89 -7.28
C ALA A 177 -4.80 -2.76 -8.41
N CYS A 178 -3.64 -2.38 -8.93
CA CYS A 178 -3.02 -3.14 -10.02
C CYS A 178 -1.50 -3.02 -9.93
N GLN A 179 -0.78 -3.57 -10.91
CA GLN A 179 0.69 -3.52 -10.91
C GLN A 179 1.14 -2.06 -10.81
N GLY A 180 2.13 -1.81 -9.95
CA GLY A 180 2.60 -0.45 -9.77
C GLY A 180 2.00 0.19 -8.53
N ASP A 181 0.88 -0.38 -8.05
CA ASP A 181 0.23 0.14 -6.85
C ASP A 181 0.79 -0.59 -5.64
N SER A 182 1.44 -1.73 -5.88
CA SER A 182 2.03 -2.56 -4.84
C SER A 182 2.80 -1.76 -3.80
N GLY A 183 2.56 -2.07 -2.53
CA GLY A 183 3.24 -1.38 -1.44
C GLY A 183 2.52 -0.14 -0.97
N GLY A 184 1.49 0.27 -1.72
CA GLY A 184 0.72 1.45 -1.40
C GLY A 184 -0.30 1.26 -0.30
N PRO A 185 -0.99 2.35 0.10
CA PRO A 185 -1.99 2.31 1.17
C PRO A 185 -3.45 1.99 0.87
N LEU A 186 -4.06 1.35 1.85
CA LEU A 186 -5.49 1.02 1.86
C LEU A 186 -5.87 1.64 3.21
N VAL A 187 -6.68 2.68 3.17
CA VAL A 187 -7.05 3.39 4.39
C VAL A 187 -8.56 3.48 4.64
N SER A 188 -8.91 3.75 5.89
CA SER A 188 -10.29 3.92 6.30
C SER A 188 -10.31 4.97 7.41
N SER A 189 -11.44 5.65 7.56
CA SER A 189 -11.58 6.70 8.58
C SER A 189 -12.41 6.25 9.76
N ASP A 190 -12.11 6.83 10.94
CA ASP A 190 -12.91 6.52 12.12
C ASP A 190 -13.97 7.62 12.21
N ALA A 191 -14.80 7.58 13.24
CA ALA A 191 -15.85 8.58 13.42
C ALA A 191 -15.34 10.03 13.60
N ARG A 192 -14.06 10.18 13.91
CA ARG A 192 -13.45 11.50 14.10
C ARG A 192 -12.83 12.03 12.81
N ASP A 193 -13.03 11.31 11.72
CA ASP A 193 -12.47 11.67 10.41
C ASP A 193 -10.96 11.58 10.38
N ILE A 194 -10.42 10.69 11.22
CA ILE A 194 -8.98 10.46 11.29
C ILE A 194 -8.72 9.18 10.48
N TRP A 195 -7.76 9.27 9.56
CA TRP A 195 -7.43 8.13 8.70
C TRP A 195 -6.40 7.16 9.26
N TYR A 196 -6.69 5.86 9.10
CA TYR A 196 -5.83 4.78 9.56
C TYR A 196 -5.43 3.86 8.41
N LEU A 197 -4.22 3.32 8.49
CA LEU A 197 -3.70 2.41 7.48
C LEU A 197 -4.18 1.00 7.81
N ALA A 198 -5.11 0.49 7.01
CA ALA A 198 -5.67 -0.84 7.22
C ALA A 198 -4.89 -1.91 6.47
N GLY A 199 -4.37 -1.56 5.30
CA GLY A 199 -3.63 -2.54 4.54
C GLY A 199 -2.58 -1.98 3.61
N ILE A 200 -1.79 -2.89 3.03
CA ILE A 200 -0.72 -2.56 2.10
C ILE A 200 -0.99 -3.35 0.83
N VAL A 201 -1.05 -2.67 -0.31
CA VAL A 201 -1.30 -3.35 -1.58
C VAL A 201 -0.28 -4.46 -1.75
N SER A 202 -0.76 -5.70 -1.90
CA SER A 202 0.12 -6.84 -2.00
C SER A 202 0.03 -7.66 -3.29
N TRP A 203 -1.12 -8.31 -3.51
CA TRP A 203 -1.28 -9.12 -4.72
C TRP A 203 -2.73 -9.33 -5.13
N GLY A 204 -2.91 -10.10 -6.19
CA GLY A 204 -4.24 -10.40 -6.70
C GLY A 204 -4.12 -11.21 -7.98
N ASP A 205 -5.24 -11.74 -8.44
CA ASP A 205 -5.26 -12.51 -9.68
C ASP A 205 -5.53 -11.45 -10.76
N GLU A 206 -4.48 -11.04 -11.45
CA GLU A 206 -4.58 -9.99 -12.48
C GLU A 206 -5.09 -8.71 -11.79
N CYS A 207 -6.00 -7.99 -12.44
CA CYS A 207 -6.56 -6.76 -11.87
C CYS A 207 -8.03 -6.61 -12.21
N ALA A 208 -8.82 -6.27 -11.20
CA ALA A 208 -10.26 -6.05 -11.37
C ALA A 208 -11.02 -7.24 -11.95
N LYS A 209 -10.57 -8.44 -11.60
CA LYS A 209 -11.21 -9.66 -12.07
C LYS A 209 -12.37 -10.05 -11.17
N PRO A 210 -13.52 -10.45 -11.75
CA PRO A 210 -14.65 -10.83 -10.92
C PRO A 210 -14.31 -12.05 -10.03
N ASN A 211 -14.78 -12.02 -8.80
CA ASN A 211 -14.55 -13.08 -7.82
C ASN A 211 -13.11 -13.15 -7.30
N LYS A 212 -12.26 -12.21 -7.73
CA LYS A 212 -10.86 -12.17 -7.29
C LYS A 212 -10.52 -10.77 -6.78
N PRO A 213 -10.95 -10.44 -5.56
CA PRO A 213 -10.68 -9.10 -5.00
C PRO A 213 -9.19 -8.90 -4.71
N GLY A 214 -8.79 -7.66 -4.51
CA GLY A 214 -7.40 -7.37 -4.20
C GLY A 214 -6.99 -7.92 -2.84
N VAL A 215 -5.75 -8.39 -2.74
CA VAL A 215 -5.26 -8.90 -1.47
C VAL A 215 -4.26 -7.92 -0.92
N TYR A 216 -4.40 -7.65 0.38
CA TYR A 216 -3.55 -6.68 1.06
C TYR A 216 -2.91 -7.26 2.31
N THR A 217 -1.76 -6.71 2.67
CA THR A 217 -1.09 -7.13 3.89
C THR A 217 -1.89 -6.49 5.02
N ARG A 218 -2.32 -7.30 5.99
CA ARG A 218 -3.11 -6.81 7.12
C ARG A 218 -2.24 -6.11 8.15
N VAL A 219 -2.36 -4.79 8.25
CA VAL A 219 -1.55 -4.00 9.16
C VAL A 219 -1.69 -4.36 10.64
N THR A 220 -2.90 -4.64 11.10
CA THR A 220 -3.12 -4.99 12.50
C THR A 220 -2.33 -6.24 12.91
N ALA A 221 -2.22 -7.19 11.98
CA ALA A 221 -1.51 -8.44 12.24
C ALA A 221 0.01 -8.25 12.33
N LEU A 222 0.51 -7.15 11.77
CA LEU A 222 1.93 -6.87 11.77
C LEU A 222 2.30 -5.56 12.49
N ARG A 223 1.35 -5.04 13.26
CA ARG A 223 1.54 -3.79 14.00
C ARG A 223 2.72 -3.85 14.98
N ASP A 224 2.80 -4.93 15.76
CA ASP A 224 3.88 -5.06 16.73
C ASP A 224 5.23 -5.23 16.06
N TRP A 225 5.25 -5.84 14.88
CA TRP A 225 6.50 -6.02 14.14
C TRP A 225 7.04 -4.64 13.76
N ILE A 226 6.15 -3.75 13.33
CA ILE A 226 6.55 -2.40 12.97
C ILE A 226 7.21 -1.73 14.17
N THR A 227 6.59 -1.86 15.34
CA THR A 227 7.14 -1.28 16.57
C THR A 227 8.52 -1.87 16.90
N SER A 228 8.66 -3.18 16.73
CA SER A 228 9.93 -3.85 17.04
C SER A 228 11.10 -3.34 16.20
N LYS A 229 10.80 -2.83 15.01
CA LYS A 229 11.85 -2.34 14.11
C LYS A 229 12.07 -0.83 14.13
N THR A 230 11.03 -0.08 14.49
CA THR A 230 11.11 1.38 14.46
C THR A 230 10.83 2.11 15.76
N GLY A 231 10.09 1.48 16.67
CA GLY A 231 9.76 2.14 17.92
C GLY A 231 8.46 2.91 17.78
N ILE A 232 7.85 2.84 16.60
CA ILE A 232 6.58 3.51 16.32
C ILE A 232 5.42 2.60 16.70
C1 BEN B . -3.05 -6.48 -7.53
C2 BEN B . -2.23 -5.81 -6.59
C3 BEN B . -0.83 -5.77 -6.75
C4 BEN B . -0.21 -6.40 -7.84
C5 BEN B . -1.01 -7.08 -8.79
C6 BEN B . -2.41 -7.12 -8.64
C BEN B . -4.47 -6.52 -7.37
N1 BEN B . -5.29 -7.09 -8.28
N2 BEN B . -5.10 -5.97 -6.32
#